data_6N0T
#
_entry.id   6N0T
#
_cell.length_a   49.310
_cell.length_b   56.688
_cell.length_c   172.718
_cell.angle_alpha   90.00
_cell.angle_beta   90.00
_cell.angle_gamma   90.00
#
_symmetry.space_group_name_H-M   'P 21 21 21'
#
loop_
_entity.id
_entity.type
_entity.pdbx_description
1 polymer 'tRNA ligase'
2 non-polymer 'SULFATE ION'
3 non-polymer "ADENOSINE-5'-TRIPHOSPHATE"
4 non-polymer 'MANGANESE (II) ION'
5 water water
#
_entity_poly.entity_id   1
_entity_poly.type   'polypeptide(L)'
_entity_poly.pdbx_seq_one_letter_code
;MGSSHHHHHHSSGLVPRGSHMASMTGGQQMGRGSMDGTAEKQRDSLASRYKASTDYAKDAEGLTAPYVSQDPQETAALVR
ALDDAAKKGKKSGGFSVKKTRYAVASSPTGAEVDSWRFNDWDYKKPDLPTYARGLFTTRTQHGVPEIAVRGYDKFFNIDE
TRDTAWSAIRERTKGPYELTLMENGCIIFISGLEDGTLLVCSKHSTGDRSDVALSHSSAGEKHLEAQLERIGKTKEELAR
ELRKRNATAVAELCDDSFEEHILAYGPDKAGLYLHGINLNIPEFITYPSPLVQKFAEDWGFRKTGLIIIDNIDDVKAFLE
EVAETGAHDGRDVEGFVIRCKKSTNPGVGPYHDWFFKYKFEEPYLMYRQWRECTKALISGKQPKIKKHVKITEEYLLYAR
KRLAADPKLAKLYNQNHGIIKLRNDFLEYKNMKGTDAANLE
;
_entity_poly.pdbx_strand_id   A
#
loop_
_chem_comp.id
_chem_comp.type
_chem_comp.name
_chem_comp.formula
ATP non-polymer ADENOSINE-5'-TRIPHOSPHATE 'C10 H16 N5 O13 P3'
MN non-polymer 'MANGANESE (II) ION' 'Mn 2'
SO4 non-polymer 'SULFATE ION' 'O4 S -2'
#
# COMPACT_ATOMS: atom_id res chain seq x y z
N SER A 48 -11.56 -10.10 18.37
CA SER A 48 -12.88 -10.21 18.98
C SER A 48 -13.65 -11.40 18.41
N ARG A 49 -14.97 -11.24 18.30
CA ARG A 49 -15.79 -12.15 17.52
C ARG A 49 -15.72 -11.87 16.03
N TYR A 50 -14.69 -11.14 15.59
CA TYR A 50 -14.50 -10.78 14.20
C TYR A 50 -13.24 -11.46 13.64
N LYS A 51 -13.29 -11.75 12.35
CA LYS A 51 -12.31 -12.59 11.67
C LYS A 51 -11.96 -11.98 10.32
N ALA A 52 -10.68 -11.74 10.06
CA ALA A 52 -10.29 -11.41 8.69
C ALA A 52 -10.56 -12.62 7.81
N SER A 53 -11.16 -12.38 6.67
CA SER A 53 -11.59 -13.49 5.85
C SER A 53 -11.21 -13.24 4.39
N THR A 54 -10.98 -14.33 3.68
CA THR A 54 -10.72 -14.28 2.24
C THR A 54 -11.69 -15.15 1.45
N ASP A 55 -12.86 -15.45 2.01
CA ASP A 55 -13.86 -16.24 1.29
C ASP A 55 -14.99 -15.38 0.75
N TYR A 56 -14.79 -14.07 0.69
CA TYR A 56 -15.85 -13.16 0.24
C TYR A 56 -16.13 -13.32 -1.25
N ALA A 57 -15.10 -13.66 -2.05
CA ALA A 57 -15.15 -13.57 -3.50
C ALA A 57 -16.39 -14.20 -4.11
N LYS A 58 -17.13 -15.01 -3.35
CA LYS A 58 -18.29 -15.69 -3.89
C LYS A 58 -19.62 -14.96 -3.60
N ASP A 59 -19.65 -14.04 -2.62
CA ASP A 59 -20.76 -13.10 -2.54
C ASP A 59 -20.65 -11.97 -3.55
N ALA A 60 -19.46 -11.80 -4.13
CA ALA A 60 -19.22 -10.81 -5.17
C ALA A 60 -20.05 -11.06 -6.43
N GLU A 61 -20.67 -12.23 -6.59
CA GLU A 61 -21.46 -12.44 -7.80
C GLU A 61 -22.77 -11.65 -7.76
N GLY A 62 -23.24 -11.29 -6.57
CA GLY A 62 -24.39 -10.41 -6.48
C GLY A 62 -24.07 -8.97 -6.83
N LEU A 63 -22.81 -8.56 -6.64
CA LEU A 63 -22.35 -7.19 -6.86
C LEU A 63 -21.87 -6.96 -8.28
N THR A 64 -21.75 -5.68 -8.65
CA THR A 64 -21.35 -5.27 -9.98
C THR A 64 -20.20 -4.27 -9.87
N ALA A 65 -19.13 -4.53 -10.61
CA ALA A 65 -17.98 -3.64 -10.56
C ALA A 65 -18.37 -2.26 -11.06
N PRO A 66 -17.92 -1.19 -10.40
CA PRO A 66 -18.14 0.15 -10.93
C PRO A 66 -17.36 0.34 -12.22
N TYR A 67 -17.92 1.14 -13.11
CA TYR A 67 -17.22 1.51 -14.33
C TYR A 67 -17.58 2.94 -14.69
N VAL A 68 -16.55 3.74 -14.98
CA VAL A 68 -16.66 5.10 -15.49
C VAL A 68 -15.56 5.30 -16.52
N SER A 69 -15.93 5.74 -17.71
CA SER A 69 -14.92 5.94 -18.74
C SER A 69 -14.20 7.27 -18.55
N GLN A 70 -13.16 7.46 -19.34
CA GLN A 70 -12.32 8.64 -19.23
C GLN A 70 -12.85 9.73 -20.13
N ASP A 71 -12.87 10.95 -19.61
CA ASP A 71 -13.27 12.09 -20.42
C ASP A 71 -12.01 12.77 -20.92
N PRO A 72 -11.67 12.68 -22.21
CA PRO A 72 -10.42 13.30 -22.69
C PRO A 72 -10.30 14.75 -22.28
N GLN A 73 -11.38 15.51 -22.38
CA GLN A 73 -11.37 16.90 -21.94
C GLN A 73 -11.00 17.01 -20.47
N GLU A 74 -11.69 16.25 -19.61
CA GLU A 74 -11.37 16.27 -18.19
C GLU A 74 -9.90 15.94 -17.96
N THR A 75 -9.39 14.93 -18.65
CA THR A 75 -8.01 14.51 -18.43
C THR A 75 -7.03 15.58 -18.86
N ALA A 76 -7.30 16.25 -20.00
CA ALA A 76 -6.35 17.24 -20.48
C ALA A 76 -6.31 18.46 -19.58
N ALA A 77 -7.45 18.85 -19.02
CA ALA A 77 -7.43 19.95 -18.05
C ALA A 77 -6.65 19.56 -16.79
N LEU A 78 -6.78 18.30 -16.35
CA LEU A 78 -6.03 17.87 -15.18
C LEU A 78 -4.54 17.95 -15.45
N VAL A 79 -4.11 17.54 -16.64
CA VAL A 79 -2.69 17.58 -16.99
C VAL A 79 -2.23 19.04 -17.10
N ARG A 80 -3.04 19.90 -17.70
CA ARG A 80 -2.73 21.31 -17.72
C ARG A 80 -2.40 21.81 -16.32
N ALA A 81 -3.31 21.55 -15.37
CA ALA A 81 -3.11 22.08 -14.02
C ALA A 81 -1.89 21.45 -13.36
N LEU A 82 -1.66 20.17 -13.64
CA LEU A 82 -0.47 19.50 -13.12
C LEU A 82 0.80 20.14 -13.68
N ASP A 83 0.84 20.43 -14.97
CA ASP A 83 2.04 21.04 -15.54
C ASP A 83 2.25 22.48 -15.04
N ASP A 84 1.17 23.21 -14.76
CA ASP A 84 1.36 24.52 -14.17
C ASP A 84 1.97 24.41 -12.78
N ALA A 85 1.58 23.38 -12.03
CA ALA A 85 2.17 23.14 -10.72
C ALA A 85 3.61 22.67 -10.83
N ALA A 86 3.96 21.98 -11.90
CA ALA A 86 5.37 21.61 -12.08
C ALA A 86 6.20 22.83 -12.44
N LYS A 87 5.61 23.79 -13.16
CA LYS A 87 6.25 25.07 -13.46
C LYS A 87 6.20 25.95 -12.22
N LYS A 88 7.05 25.63 -11.25
CA LYS A 88 7.03 26.28 -9.95
C LYS A 88 7.89 27.54 -9.97
N GLY A 89 7.30 28.65 -9.57
CA GLY A 89 8.01 29.93 -9.52
C GLY A 89 7.05 31.11 -9.56
N PHE A 95 -0.10 24.77 -4.23
CA PHE A 95 0.45 23.43 -4.19
C PHE A 95 1.51 23.23 -5.27
N SER A 96 2.43 22.31 -5.01
CA SER A 96 3.56 22.07 -5.91
C SER A 96 3.71 20.58 -6.17
N VAL A 97 3.81 20.20 -7.44
CA VAL A 97 3.98 18.81 -7.83
C VAL A 97 5.32 18.68 -8.55
N LYS A 98 5.81 17.44 -8.62
CA LYS A 98 6.98 17.13 -9.43
C LYS A 98 6.62 16.03 -10.43
N LYS A 99 7.06 16.21 -11.66
CA LYS A 99 6.71 15.35 -12.78
C LYS A 99 7.93 14.55 -13.20
N THR A 100 7.72 13.27 -13.49
CA THR A 100 8.81 12.45 -14.04
C THR A 100 8.27 11.62 -15.20
N ARG A 101 9.01 11.63 -16.30
CA ARG A 101 8.63 10.92 -17.51
C ARG A 101 9.44 9.64 -17.61
N TYR A 102 8.79 8.57 -18.03
CA TYR A 102 9.44 7.28 -18.19
C TYR A 102 9.02 6.67 -19.52
N ALA A 103 9.93 5.92 -20.11
CA ALA A 103 9.51 5.08 -21.23
C ALA A 103 8.87 3.80 -20.69
N VAL A 104 8.06 3.17 -21.52
CA VAL A 104 7.49 1.87 -21.22
C VAL A 104 8.21 0.89 -22.14
N ALA A 105 9.17 0.14 -21.56
CA ALA A 105 10.14 -0.58 -22.38
C ALA A 105 9.47 -1.60 -23.30
N SER A 106 8.34 -2.17 -22.88
CA SER A 106 7.71 -3.22 -23.68
C SER A 106 6.51 -2.69 -24.48
N SER A 107 6.41 -1.38 -24.67
CA SER A 107 5.29 -0.80 -25.41
C SER A 107 5.62 -0.78 -26.89
N PRO A 108 4.91 -1.52 -27.74
CA PRO A 108 5.25 -1.53 -29.17
C PRO A 108 5.04 -0.20 -29.88
N THR A 109 4.31 0.75 -29.31
CA THR A 109 4.19 2.11 -29.85
C THR A 109 5.12 3.10 -29.15
N GLY A 110 6.03 2.63 -28.30
CA GLY A 110 6.89 3.56 -27.58
C GLY A 110 6.15 4.53 -26.68
N ALA A 111 5.08 4.07 -26.04
CA ALA A 111 4.37 4.91 -25.07
C ALA A 111 5.30 5.37 -23.96
N GLU A 112 5.14 6.62 -23.56
CA GLU A 112 5.75 7.14 -22.35
C GLU A 112 4.65 7.46 -21.35
N VAL A 113 5.01 7.52 -20.07
CA VAL A 113 4.08 7.89 -19.02
C VAL A 113 4.73 8.93 -18.11
N ASP A 114 3.91 9.81 -17.56
CA ASP A 114 4.35 10.87 -16.68
C ASP A 114 3.80 10.61 -15.29
N SER A 115 4.71 10.49 -14.33
CA SER A 115 4.36 10.28 -12.94
C SER A 115 4.36 11.62 -12.21
N TRP A 116 3.31 11.84 -11.43
CA TRP A 116 3.17 13.06 -10.65
C TRP A 116 3.31 12.71 -9.16
N ARG A 117 4.30 13.30 -8.50
CA ARG A 117 4.54 13.09 -7.08
C ARG A 117 4.26 14.40 -6.36
N PHE A 118 3.27 14.39 -5.48
CA PHE A 118 3.06 15.49 -4.55
C PHE A 118 3.81 15.18 -3.27
N ASN A 119 4.09 16.21 -2.49
CA ASN A 119 4.60 15.89 -1.17
C ASN A 119 3.43 15.84 -0.19
N ASP A 120 3.63 15.06 0.87
CA ASP A 120 2.52 14.72 1.77
C ASP A 120 1.79 15.95 2.29
N TRP A 121 2.44 17.12 2.27
CA TRP A 121 1.81 18.33 2.79
C TRP A 121 0.59 18.71 1.96
N ASP A 122 0.74 18.69 0.63
CA ASP A 122 -0.26 19.29 -0.25
C ASP A 122 -1.61 18.58 -0.15
N TYR A 123 -1.62 17.30 0.26
CA TYR A 123 -2.86 16.55 0.36
C TYR A 123 -3.76 17.04 1.47
N LYS A 124 -3.26 17.83 2.42
CA LYS A 124 -4.08 18.41 3.46
C LYS A 124 -4.68 19.76 3.07
N LYS A 125 -4.27 20.31 1.92
CA LYS A 125 -4.83 21.53 1.34
C LYS A 125 -6.14 21.23 0.63
N PRO A 126 -7.08 22.15 0.65
CA PRO A 126 -8.21 22.07 -0.29
C PRO A 126 -7.77 22.55 -1.66
N ASP A 127 -8.63 22.28 -2.65
CA ASP A 127 -8.44 22.79 -4.00
C ASP A 127 -7.12 22.29 -4.61
N LEU A 128 -7.05 20.98 -4.75
CA LEU A 128 -6.07 20.29 -5.57
C LEU A 128 -6.79 19.67 -6.76
N PRO A 129 -6.13 19.52 -7.91
CA PRO A 129 -6.85 18.99 -9.09
C PRO A 129 -7.21 17.52 -8.94
N THR A 130 -6.34 16.76 -8.29
CA THR A 130 -6.67 15.41 -7.91
C THR A 130 -5.98 15.12 -6.59
N TYR A 131 -6.45 14.08 -5.92
CA TYR A 131 -5.90 13.68 -4.64
C TYR A 131 -5.27 12.29 -4.72
N ALA A 132 -5.02 11.80 -5.92
CA ALA A 132 -4.41 10.50 -6.11
C ALA A 132 -2.99 10.47 -5.55
N ARG A 133 -2.67 9.41 -4.82
CA ARG A 133 -1.31 9.12 -4.38
C ARG A 133 -0.79 8.04 -5.31
N GLY A 134 0.01 8.44 -6.29
CA GLY A 134 0.34 7.57 -7.40
C GLY A 134 -0.53 7.93 -8.58
N LEU A 135 0.01 8.69 -9.52
CA LEU A 135 -0.76 9.06 -10.69
C LEU A 135 0.16 9.10 -11.90
N PHE A 136 -0.23 8.37 -12.95
CA PHE A 136 0.54 8.31 -14.19
C PHE A 136 -0.32 8.72 -15.38
N THR A 137 0.25 9.56 -16.23
CA THR A 137 -0.41 10.22 -17.33
C THR A 137 0.24 9.81 -18.64
N THR A 138 -0.50 9.89 -19.74
CA THR A 138 0.09 9.50 -21.02
C THR A 138 -0.68 10.14 -22.17
N ARG A 139 -0.10 10.03 -23.37
CA ARG A 139 -0.80 10.20 -24.62
C ARG A 139 -0.81 8.85 -25.34
N THR A 140 -1.97 8.43 -25.81
CA THR A 140 -2.02 7.22 -26.62
C THR A 140 -1.35 7.47 -27.96
N GLN A 141 -1.22 6.40 -28.74
CA GLN A 141 -0.61 6.52 -30.06
C GLN A 141 -1.40 7.46 -30.98
N HIS A 142 -2.70 7.64 -30.72
CA HIS A 142 -3.56 8.53 -31.47
C HIS A 142 -3.62 9.95 -30.90
N GLY A 143 -2.85 10.24 -29.86
CA GLY A 143 -2.81 11.56 -29.29
C GLY A 143 -3.79 11.85 -28.17
N VAL A 144 -4.57 10.87 -27.74
CA VAL A 144 -5.58 11.11 -26.71
C VAL A 144 -4.88 11.14 -25.35
N PRO A 145 -5.17 12.11 -24.50
CA PRO A 145 -4.56 12.13 -23.16
C PRO A 145 -5.35 11.24 -22.22
N GLU A 146 -4.61 10.50 -21.38
CA GLU A 146 -5.26 9.51 -20.52
C GLU A 146 -4.53 9.37 -19.20
N ILE A 147 -5.30 9.00 -18.18
CA ILE A 147 -4.72 8.52 -16.94
C ILE A 147 -4.36 7.04 -17.15
N ALA A 148 -3.08 6.73 -17.05
CA ALA A 148 -2.64 5.34 -17.19
C ALA A 148 -2.69 4.60 -15.88
N VAL A 149 -2.46 5.30 -14.77
CA VAL A 149 -2.36 4.71 -13.45
C VAL A 149 -2.91 5.69 -12.45
N ARG A 150 -3.86 5.24 -11.63
CA ARG A 150 -4.38 6.06 -10.53
C ARG A 150 -4.38 5.27 -9.23
N GLY A 151 -3.63 5.75 -8.25
CA GLY A 151 -3.57 5.10 -6.96
C GLY A 151 -4.75 5.54 -6.11
N TYR A 152 -4.68 5.14 -4.84
CA TYR A 152 -5.68 5.63 -3.90
C TYR A 152 -5.46 7.11 -3.66
N ASP A 153 -6.50 7.78 -3.17
CA ASP A 153 -6.28 9.11 -2.63
C ASP A 153 -5.40 8.98 -1.40
N LYS A 154 -4.48 9.92 -1.22
CA LYS A 154 -3.70 9.92 0.00
C LYS A 154 -4.64 9.80 1.20
N PHE A 155 -4.46 8.75 1.98
CA PHE A 155 -5.25 8.58 3.19
C PHE A 155 -4.33 8.64 4.40
N PHE A 156 -4.93 8.79 5.57
CA PHE A 156 -4.17 9.17 6.75
C PHE A 156 -4.54 8.28 7.93
N ASN A 157 -3.61 8.22 8.88
CA ASN A 157 -3.79 7.40 10.06
C ASN A 157 -4.67 8.13 11.09
N ILE A 158 -5.29 7.35 11.97
CA ILE A 158 -6.10 7.91 13.05
C ILE A 158 -5.32 8.99 13.79
N ASP A 159 -5.96 10.13 14.02
CA ASP A 159 -5.45 11.29 14.76
C ASP A 159 -4.31 12.01 14.04
N GLU A 160 -4.00 11.61 12.81
CA GLU A 160 -2.95 12.28 12.06
C GLU A 160 -3.47 13.53 11.37
N THR A 161 -4.77 13.60 11.09
CA THR A 161 -5.39 14.79 10.52
C THR A 161 -6.69 15.07 11.25
N ARG A 162 -7.21 16.27 11.01
CA ARG A 162 -8.49 16.67 11.56
C ARG A 162 -9.59 15.69 11.16
N ASP A 163 -9.53 15.16 9.93
CA ASP A 163 -10.59 14.24 9.47
C ASP A 163 -10.46 12.86 10.09
N THR A 164 -9.26 12.45 10.50
CA THR A 164 -9.06 11.13 11.06
C THR A 164 -9.03 11.14 12.58
N ALA A 165 -9.54 12.20 13.20
CA ALA A 165 -9.92 12.11 14.61
C ALA A 165 -11.17 11.24 14.72
N TRP A 166 -11.21 10.39 15.74
CA TRP A 166 -12.34 9.49 15.90
C TRP A 166 -13.66 10.25 15.83
N SER A 167 -13.76 11.37 16.56
CA SER A 167 -14.99 12.14 16.56
C SER A 167 -15.35 12.64 15.15
N ALA A 168 -14.35 13.03 14.37
CA ALA A 168 -14.61 13.43 12.98
C ALA A 168 -15.18 12.28 12.17
N ILE A 169 -14.62 11.08 12.34
CA ILE A 169 -15.07 9.93 11.56
C ILE A 169 -16.49 9.55 11.93
N ARG A 170 -16.78 9.41 13.22
CA ARG A 170 -18.14 9.14 13.66
C ARG A 170 -19.11 10.10 13.00
N GLU A 171 -18.74 11.37 12.92
CA GLU A 171 -19.66 12.40 12.46
C GLU A 171 -19.89 12.34 10.95
N ARG A 172 -18.80 12.22 10.17
CA ARG A 172 -18.85 12.48 8.74
C ARG A 172 -18.81 11.24 7.85
N THR A 173 -18.72 10.03 8.41
CA THR A 173 -18.71 8.85 7.54
C THR A 173 -19.98 8.03 7.74
N LYS A 174 -20.22 7.13 6.81
CA LYS A 174 -21.27 6.13 6.94
C LYS A 174 -20.70 4.77 6.63
N GLY A 175 -21.33 3.73 7.18
CA GLY A 175 -20.94 2.37 6.93
C GLY A 175 -21.63 1.79 5.70
N PRO A 176 -21.40 0.50 5.43
CA PRO A 176 -20.52 -0.39 6.20
C PRO A 176 -19.04 -0.04 6.10
N TYR A 177 -18.24 -0.56 7.04
CA TYR A 177 -16.83 -0.25 7.13
C TYR A 177 -16.03 -1.47 6.72
N GLU A 178 -15.29 -1.35 5.63
CA GLU A 178 -14.42 -2.41 5.15
C GLU A 178 -13.10 -2.34 5.91
N LEU A 179 -12.83 -3.37 6.69
CA LEU A 179 -11.56 -3.48 7.42
C LEU A 179 -10.69 -4.40 6.57
N THR A 180 -9.71 -3.82 5.89
CA THR A 180 -8.79 -4.58 5.06
C THR A 180 -7.43 -4.62 5.73
N LEU A 181 -6.96 -5.84 5.99
CA LEU A 181 -5.62 -6.08 6.51
C LEU A 181 -4.59 -5.23 5.78
N MET A 182 -3.65 -4.64 6.53
CA MET A 182 -2.60 -3.82 5.94
C MET A 182 -1.35 -4.68 5.80
N GLU A 183 -1.10 -5.20 4.60
CA GLU A 183 0.11 -5.97 4.37
C GLU A 183 1.33 -5.04 4.30
N ASN A 184 2.47 -5.55 4.74
CA ASN A 184 3.67 -4.74 4.99
C ASN A 184 4.72 -5.04 3.91
N GLY A 185 4.70 -4.24 2.85
CA GLY A 185 5.65 -4.40 1.75
C GLY A 185 5.80 -3.10 1.01
N CYS A 186 5.71 -3.11 -0.33
CA CYS A 186 5.64 -1.86 -1.10
C CYS A 186 4.51 -1.92 -2.12
N ILE A 187 3.94 -0.74 -2.41
CA ILE A 187 2.77 -0.70 -3.29
C ILE A 187 3.19 -0.99 -4.72
N ILE A 188 2.30 -1.65 -5.46
CA ILE A 188 2.52 -1.92 -6.87
C ILE A 188 1.23 -1.64 -7.64
N PHE A 189 1.33 -0.81 -8.68
CA PHE A 189 0.23 -0.48 -9.58
C PHE A 189 0.33 -1.28 -10.87
N ILE A 190 -0.78 -1.82 -11.33
CA ILE A 190 -0.83 -2.52 -12.61
C ILE A 190 -2.02 -2.00 -13.42
N SER A 191 -1.79 -1.74 -14.71
CA SER A 191 -2.86 -1.26 -15.58
C SER A 191 -2.59 -1.68 -17.00
N GLY A 192 -3.50 -1.31 -17.90
CA GLY A 192 -3.40 -1.66 -19.30
C GLY A 192 -3.45 -0.48 -20.23
N LEU A 193 -2.35 -0.24 -20.93
CA LEU A 193 -2.24 0.87 -21.87
C LEU A 193 -3.06 0.60 -23.12
N GLU A 194 -3.25 1.66 -23.91
CA GLU A 194 -4.12 1.58 -25.08
C GLU A 194 -3.61 0.58 -26.11
N ASP A 195 -2.29 0.53 -26.32
CA ASP A 195 -1.70 -0.42 -27.25
C ASP A 195 -1.54 -1.84 -26.67
N GLY A 196 -2.27 -2.20 -25.61
CA GLY A 196 -2.22 -3.56 -25.08
C GLY A 196 -1.11 -3.85 -24.09
N THR A 197 -0.24 -2.88 -23.78
CA THR A 197 0.93 -3.13 -22.93
C THR A 197 0.51 -3.21 -21.47
N LEU A 198 1.03 -4.21 -20.76
CA LEU A 198 0.84 -4.31 -19.31
C LEU A 198 1.82 -3.39 -18.63
N LEU A 199 1.31 -2.35 -17.97
CA LEU A 199 2.16 -1.40 -17.26
C LEU A 199 2.22 -1.80 -15.78
N VAL A 200 3.43 -1.92 -15.25
CA VAL A 200 3.65 -2.16 -13.82
C VAL A 200 4.52 -1.03 -13.27
N CYS A 201 4.07 -0.39 -12.20
CA CYS A 201 4.77 0.71 -11.59
C CYS A 201 4.95 0.43 -10.11
N SER A 202 5.96 1.07 -9.52
CA SER A 202 5.96 1.32 -8.09
C SER A 202 5.22 2.63 -7.84
N LYS A 203 5.29 3.15 -6.61
CA LYS A 203 4.48 4.30 -6.25
C LYS A 203 4.74 5.49 -7.13
N HIS A 204 5.96 5.62 -7.67
CA HIS A 204 6.25 6.79 -8.49
C HIS A 204 7.16 6.50 -9.68
N SER A 205 7.35 5.24 -10.05
CA SER A 205 8.35 4.92 -11.05
C SER A 205 7.99 3.62 -11.76
N THR A 206 8.70 3.34 -12.87
CA THR A 206 8.43 2.11 -13.62
C THR A 206 9.60 1.54 -14.42
N GLY A 207 10.73 2.23 -14.52
CA GLY A 207 11.84 1.61 -15.22
C GLY A 207 12.46 0.39 -14.56
N ASP A 208 13.70 0.04 -14.95
CA ASP A 208 14.51 -0.96 -14.26
C ASP A 208 15.57 -0.32 -13.36
N LEU A 214 17.67 -3.99 -9.79
CA LEU A 214 16.31 -4.55 -9.75
C LEU A 214 15.37 -3.59 -9.00
N SER A 215 14.64 -2.80 -9.78
CA SER A 215 13.64 -1.89 -9.24
C SER A 215 12.52 -2.67 -8.56
N HIS A 216 11.80 -2.00 -7.67
CA HIS A 216 10.58 -2.59 -7.15
C HIS A 216 9.61 -2.94 -8.28
N SER A 217 9.51 -2.08 -9.31
CA SER A 217 8.47 -2.35 -10.29
C SER A 217 8.80 -3.61 -11.08
N SER A 218 10.07 -3.87 -11.38
CA SER A 218 10.41 -5.11 -12.08
C SER A 218 10.21 -6.32 -11.18
N ALA A 219 10.57 -6.20 -9.88
CA ALA A 219 10.34 -7.30 -8.97
C ALA A 219 8.85 -7.60 -8.87
N GLY A 220 8.03 -6.54 -8.80
CA GLY A 220 6.60 -6.75 -8.85
C GLY A 220 6.15 -7.42 -10.13
N GLU A 221 6.79 -7.09 -11.26
CA GLU A 221 6.38 -7.66 -12.54
C GLU A 221 6.78 -9.12 -12.63
N LYS A 222 8.02 -9.42 -12.24
CA LYS A 222 8.45 -10.82 -12.19
C LYS A 222 7.45 -11.66 -11.39
N HIS A 223 7.04 -11.16 -10.22
CA HIS A 223 6.07 -11.88 -9.39
C HIS A 223 4.73 -12.03 -10.10
N LEU A 224 4.31 -11.00 -10.82
CA LEU A 224 3.10 -11.09 -11.64
C LEU A 224 3.27 -12.10 -12.75
N GLU A 225 4.48 -12.17 -13.34
CA GLU A 225 4.73 -13.16 -14.38
C GLU A 225 4.59 -14.56 -13.83
N ALA A 226 5.07 -14.80 -12.63
CA ALA A 226 4.99 -16.14 -12.07
C ALA A 226 3.55 -16.52 -11.79
N GLN A 227 2.80 -15.64 -11.12
CA GLN A 227 1.41 -15.97 -10.78
C GLN A 227 0.58 -16.21 -12.03
N LEU A 228 0.80 -15.43 -13.08
CA LEU A 228 0.06 -15.62 -14.33
C LEU A 228 0.46 -16.93 -14.98
N GLU A 229 1.74 -17.27 -14.97
CA GLU A 229 2.17 -18.59 -15.47
C GLU A 229 1.45 -19.70 -14.73
N ARG A 230 1.39 -19.60 -13.40
CA ARG A 230 0.74 -20.61 -12.58
C ARG A 230 -0.72 -20.84 -13.01
N ILE A 231 -1.46 -19.78 -13.35
CA ILE A 231 -2.88 -19.97 -13.68
C ILE A 231 -3.09 -20.08 -15.18
N GLY A 232 -2.00 -20.12 -15.94
CA GLY A 232 -2.12 -20.17 -17.38
C GLY A 232 -2.86 -18.97 -17.94
N LYS A 233 -2.39 -17.77 -17.61
CA LYS A 233 -2.86 -16.53 -18.23
C LYS A 233 -1.64 -15.67 -18.55
N THR A 234 -1.81 -14.71 -19.46
CA THR A 234 -0.72 -13.88 -19.92
C THR A 234 -0.90 -12.44 -19.48
N LYS A 235 0.20 -11.67 -19.59
CA LYS A 235 0.14 -10.24 -19.29
C LYS A 235 -0.83 -9.51 -20.22
N GLU A 236 -0.78 -9.85 -21.52
CA GLU A 236 -1.65 -9.21 -22.49
C GLU A 236 -3.12 -9.41 -22.15
N GLU A 237 -3.50 -10.61 -21.70
CA GLU A 237 -4.89 -10.79 -21.28
C GLU A 237 -5.18 -9.96 -20.05
N LEU A 238 -4.22 -9.83 -19.13
CA LEU A 238 -4.44 -8.99 -17.96
C LEU A 238 -4.55 -7.52 -18.35
N ALA A 239 -3.71 -7.06 -19.29
CA ALA A 239 -3.76 -5.68 -19.75
C ALA A 239 -5.09 -5.36 -20.43
N ARG A 240 -5.59 -6.28 -21.25
CA ARG A 240 -6.87 -6.05 -21.90
C ARG A 240 -7.99 -5.96 -20.87
N GLU A 241 -7.99 -6.88 -19.89
CA GLU A 241 -9.03 -6.88 -18.86
C GLU A 241 -9.01 -5.58 -18.07
N LEU A 242 -7.81 -5.07 -17.74
CA LEU A 242 -7.74 -3.87 -16.91
C LEU A 242 -8.17 -2.63 -17.70
N ARG A 243 -7.71 -2.51 -18.94
CA ARG A 243 -8.19 -1.42 -19.80
C ARG A 243 -9.69 -1.50 -20.00
N LYS A 244 -10.20 -2.71 -20.29
CA LYS A 244 -11.64 -2.95 -20.38
C LYS A 244 -12.38 -2.35 -19.17
N ARG A 245 -11.81 -2.48 -17.99
CA ARG A 245 -12.41 -1.93 -16.77
C ARG A 245 -12.05 -0.48 -16.52
N ASN A 246 -11.19 0.12 -17.36
CA ASN A 246 -10.60 1.45 -17.12
C ASN A 246 -9.98 1.54 -15.73
N ALA A 247 -9.17 0.55 -15.38
CA ALA A 247 -8.84 0.39 -13.98
C ALA A 247 -7.36 0.18 -13.74
N THR A 248 -6.92 0.61 -12.55
CA THR A 248 -5.63 0.26 -11.99
C THR A 248 -5.83 -0.78 -10.89
N ALA A 249 -5.08 -1.89 -10.98
CA ALA A 249 -4.97 -2.82 -9.89
C ALA A 249 -3.84 -2.36 -8.97
N VAL A 250 -4.09 -2.49 -7.66
CA VAL A 250 -3.22 -1.98 -6.61
C VAL A 250 -2.88 -3.14 -5.68
N ALA A 251 -1.59 -3.46 -5.57
CA ALA A 251 -1.17 -4.62 -4.82
C ALA A 251 -0.02 -4.27 -3.90
N GLU A 252 0.19 -5.12 -2.90
CA GLU A 252 1.35 -5.02 -2.03
C GLU A 252 2.29 -6.15 -2.40
N LEU A 253 3.51 -5.79 -2.76
CA LEU A 253 4.55 -6.76 -3.06
C LEU A 253 5.27 -7.13 -1.78
N CYS A 254 5.14 -8.39 -1.35
CA CYS A 254 5.76 -8.84 -0.10
C CYS A 254 6.57 -10.10 -0.36
N ASP A 255 7.89 -10.01 -0.17
CA ASP A 255 8.78 -11.13 -0.43
C ASP A 255 10.08 -10.90 0.34
N ASP A 256 10.29 -11.65 1.44
CA ASP A 256 11.54 -11.52 2.19
C ASP A 256 12.76 -11.78 1.30
N SER A 257 12.63 -12.75 0.37
CA SER A 257 13.71 -13.01 -0.58
C SER A 257 13.99 -11.83 -1.51
N PHE A 258 13.02 -10.94 -1.73
CA PHE A 258 13.43 -9.76 -2.47
C PHE A 258 13.96 -8.68 -1.52
N GLU A 259 13.17 -8.36 -0.49
CA GLU A 259 13.45 -7.26 0.44
C GLU A 259 12.64 -7.49 1.70
N GLU A 260 13.29 -7.36 2.86
CA GLU A 260 12.59 -7.53 4.13
C GLU A 260 12.02 -6.20 4.58
N HIS A 261 10.83 -6.25 5.16
CA HIS A 261 10.31 -5.08 5.85
C HIS A 261 10.30 -5.37 7.35
N ILE A 262 9.15 -5.34 8.00
CA ILE A 262 9.06 -5.58 9.44
C ILE A 262 8.44 -6.95 9.73
N LEU A 263 7.23 -7.19 9.24
CA LEU A 263 6.66 -8.52 9.40
C LEU A 263 7.17 -9.42 8.28
N ALA A 264 7.07 -10.73 8.52
CA ALA A 264 7.78 -11.68 7.69
C ALA A 264 6.91 -12.19 6.54
N TYR A 265 7.58 -12.54 5.44
CA TYR A 265 6.88 -13.12 4.29
C TYR A 265 7.83 -14.16 3.67
N GLY A 266 7.77 -15.39 4.21
CA GLY A 266 8.54 -16.51 3.70
C GLY A 266 8.24 -16.82 2.25
N PRO A 267 8.79 -17.92 1.72
CA PRO A 267 8.59 -18.20 0.29
C PRO A 267 7.15 -18.46 -0.08
N ASP A 268 6.46 -19.36 0.63
CA ASP A 268 5.01 -19.23 0.61
C ASP A 268 4.66 -17.94 1.33
N LYS A 269 3.42 -17.48 1.19
CA LYS A 269 3.07 -16.14 1.67
C LYS A 269 3.65 -15.01 0.80
N ALA A 270 4.74 -15.26 0.07
CA ALA A 270 5.35 -14.22 -0.75
C ALA A 270 4.59 -13.98 -2.04
N GLY A 271 4.52 -12.73 -2.48
CA GLY A 271 3.87 -12.43 -3.75
C GLY A 271 3.18 -11.07 -3.70
N LEU A 272 2.23 -10.91 -4.64
CA LEU A 272 1.49 -9.65 -4.82
C LEU A 272 0.13 -9.78 -4.16
N TYR A 273 -0.10 -9.00 -3.10
CA TYR A 273 -1.35 -8.98 -2.37
C TYR A 273 -2.25 -7.91 -2.96
N LEU A 274 -3.27 -8.33 -3.71
CA LEU A 274 -4.20 -7.38 -4.28
C LEU A 274 -5.08 -6.81 -3.18
N HIS A 275 -4.98 -5.50 -2.94
CA HIS A 275 -5.91 -4.89 -2.01
C HIS A 275 -6.75 -3.75 -2.61
N GLY A 276 -6.66 -3.48 -3.90
CA GLY A 276 -7.45 -2.41 -4.47
C GLY A 276 -7.57 -2.46 -5.98
N ILE A 277 -8.69 -1.95 -6.48
CA ILE A 277 -8.86 -1.64 -7.89
C ILE A 277 -9.52 -0.28 -7.98
N ASN A 278 -8.92 0.63 -8.76
CA ASN A 278 -9.43 2.00 -8.89
C ASN A 278 -9.75 2.33 -10.33
N LEU A 279 -10.69 3.27 -10.50
CA LEU A 279 -11.04 3.76 -11.82
C LEU A 279 -10.01 4.81 -12.24
N ASN A 280 -9.52 4.72 -13.48
CA ASN A 280 -8.54 5.70 -13.93
C ASN A 280 -9.27 6.97 -14.33
N ILE A 281 -9.66 7.74 -13.31
CA ILE A 281 -10.34 9.03 -13.47
C ILE A 281 -9.84 9.98 -12.39
N PRO A 282 -10.02 11.30 -12.60
CA PRO A 282 -9.52 12.25 -11.59
C PRO A 282 -10.11 12.01 -10.20
N GLU A 283 -11.41 11.70 -10.14
CA GLU A 283 -12.08 11.44 -8.88
C GLU A 283 -11.75 10.03 -8.36
N PHE A 284 -12.01 9.78 -7.07
CA PHE A 284 -11.66 8.51 -6.46
C PHE A 284 -12.86 7.59 -6.39
N ILE A 285 -12.81 6.50 -7.14
CA ILE A 285 -13.82 5.46 -7.11
C ILE A 285 -13.07 4.14 -7.07
N THR A 286 -13.34 3.32 -6.04
CA THR A 286 -12.61 2.08 -5.83
C THR A 286 -13.57 0.89 -5.69
N TYR A 287 -13.14 -0.28 -6.15
CA TYR A 287 -13.95 -1.48 -6.05
C TYR A 287 -14.23 -1.84 -4.59
N PRO A 288 -15.43 -2.31 -4.26
CA PRO A 288 -15.62 -2.97 -2.95
C PRO A 288 -14.75 -4.22 -2.82
N SER A 289 -14.30 -4.48 -1.59
CA SER A 289 -13.28 -5.52 -1.41
C SER A 289 -13.70 -6.92 -1.82
N PRO A 290 -14.95 -7.37 -1.64
CA PRO A 290 -15.33 -8.67 -2.24
C PRO A 290 -15.09 -8.71 -3.74
N LEU A 291 -15.23 -7.59 -4.44
CA LEU A 291 -14.90 -7.59 -5.86
C LEU A 291 -13.40 -7.63 -6.08
N VAL A 292 -12.64 -7.02 -5.17
CA VAL A 292 -11.17 -7.14 -5.27
C VAL A 292 -10.75 -8.60 -5.08
N GLN A 293 -11.32 -9.28 -4.08
CA GLN A 293 -10.90 -10.65 -3.80
C GLN A 293 -11.24 -11.57 -4.95
N LYS A 294 -12.38 -11.31 -5.63
CA LYS A 294 -12.71 -12.08 -6.82
C LYS A 294 -11.67 -11.86 -7.92
N PHE A 295 -11.33 -10.60 -8.19
CA PHE A 295 -10.30 -10.29 -9.19
C PHE A 295 -8.97 -10.97 -8.84
N ALA A 296 -8.62 -11.01 -7.55
CA ALA A 296 -7.41 -11.72 -7.13
C ALA A 296 -7.45 -13.19 -7.52
N GLU A 297 -8.58 -13.85 -7.25
CA GLU A 297 -8.69 -15.26 -7.60
C GLU A 297 -8.56 -15.44 -9.11
N ASP A 298 -9.32 -14.68 -9.89
CA ASP A 298 -9.31 -14.86 -11.33
C ASP A 298 -7.94 -14.59 -11.95
N TRP A 299 -7.10 -13.80 -11.30
CA TRP A 299 -5.85 -13.37 -11.94
C TRP A 299 -4.63 -13.74 -11.11
N GLY A 300 -4.80 -14.65 -10.15
CA GLY A 300 -3.66 -15.22 -9.45
C GLY A 300 -3.00 -14.33 -8.41
N PHE A 301 -3.67 -13.29 -7.92
CA PHE A 301 -3.10 -12.53 -6.81
C PHE A 301 -3.37 -13.26 -5.49
N ARG A 302 -2.57 -12.92 -4.48
CA ARG A 302 -2.93 -13.24 -3.11
C ARG A 302 -3.93 -12.21 -2.62
N LYS A 303 -4.92 -12.67 -1.86
CA LYS A 303 -6.01 -11.82 -1.42
C LYS A 303 -5.69 -11.15 -0.09
N THR A 304 -6.29 -9.97 0.10
CA THR A 304 -6.13 -9.19 1.32
C THR A 304 -7.34 -9.44 2.21
N GLY A 305 -7.08 -9.84 3.46
CA GLY A 305 -8.15 -10.23 4.35
C GLY A 305 -9.04 -9.07 4.71
N LEU A 306 -10.32 -9.36 4.94
CA LEU A 306 -11.34 -8.33 5.09
C LEU A 306 -12.30 -8.68 6.22
N ILE A 307 -12.67 -7.65 6.98
CA ILE A 307 -13.74 -7.68 7.97
C ILE A 307 -14.73 -6.58 7.60
N ILE A 308 -16.02 -6.85 7.74
CA ILE A 308 -17.02 -5.83 7.50
C ILE A 308 -17.78 -5.60 8.79
N ILE A 309 -17.75 -4.36 9.27
CA ILE A 309 -18.36 -3.98 10.52
C ILE A 309 -19.35 -2.85 10.21
N ASP A 310 -20.63 -3.06 10.55
CA ASP A 310 -21.64 -2.09 10.19
C ASP A 310 -21.49 -0.81 11.00
N ASN A 311 -21.22 -0.94 12.29
CA ASN A 311 -21.28 0.18 13.21
C ASN A 311 -19.87 0.71 13.46
N ILE A 312 -19.76 2.04 13.54
CA ILE A 312 -18.45 2.67 13.67
C ILE A 312 -17.92 2.58 15.10
N ASP A 313 -18.80 2.50 16.10
CA ASP A 313 -18.34 2.28 17.48
C ASP A 313 -17.75 0.90 17.65
N ASP A 314 -18.27 -0.09 16.91
CA ASP A 314 -17.68 -1.42 16.94
C ASP A 314 -16.30 -1.41 16.30
N VAL A 315 -16.14 -0.64 15.21
CA VAL A 315 -14.86 -0.53 14.54
C VAL A 315 -13.79 -0.04 15.51
N LYS A 316 -14.07 1.07 16.21
CA LYS A 316 -13.11 1.63 17.16
C LYS A 316 -12.74 0.61 18.24
N ALA A 317 -13.75 -0.05 18.82
CA ALA A 317 -13.48 -1.03 19.86
C ALA A 317 -12.67 -2.19 19.32
N PHE A 318 -13.07 -2.71 18.15
CA PHE A 318 -12.33 -3.81 17.53
C PHE A 318 -10.87 -3.41 17.30
N LEU A 319 -10.66 -2.28 16.63
CA LEU A 319 -9.30 -1.88 16.32
C LEU A 319 -8.48 -1.68 17.59
N GLU A 320 -9.12 -1.23 18.66
CA GLU A 320 -8.42 -1.01 19.91
C GLU A 320 -8.06 -2.32 20.60
N GLU A 321 -8.96 -3.30 20.53
CA GLU A 321 -8.66 -4.62 21.08
C GLU A 321 -7.46 -5.25 20.39
N VAL A 322 -7.46 -5.27 19.06
CA VAL A 322 -6.32 -5.84 18.34
C VAL A 322 -5.04 -5.10 18.70
N ALA A 323 -5.14 -3.78 18.92
CA ALA A 323 -3.97 -2.97 19.21
C ALA A 323 -3.29 -3.36 20.53
N GLU A 324 -3.98 -4.04 21.45
CA GLU A 324 -3.32 -4.49 22.68
C GLU A 324 -2.20 -5.47 22.37
N THR A 325 -2.43 -6.36 21.41
CA THR A 325 -1.44 -7.35 21.02
C THR A 325 -0.67 -6.95 19.76
N GLY A 326 -1.26 -6.11 18.91
CA GLY A 326 -0.75 -5.99 17.56
C GLY A 326 -0.91 -7.26 16.74
N ALA A 327 -1.70 -8.22 17.20
CA ALA A 327 -1.92 -9.47 16.51
C ALA A 327 -3.41 -9.77 16.46
N HIS A 328 -3.83 -10.47 15.40
CA HIS A 328 -5.24 -10.82 15.24
C HIS A 328 -5.31 -12.15 14.51
N ASP A 329 -6.19 -13.03 14.99
CA ASP A 329 -6.37 -14.37 14.41
C ASP A 329 -5.06 -15.15 14.37
N GLY A 330 -4.26 -15.03 15.44
CA GLY A 330 -3.02 -15.77 15.55
C GLY A 330 -1.85 -15.21 14.77
N ARG A 331 -2.08 -14.32 13.81
CA ARG A 331 -1.00 -13.76 13.02
C ARG A 331 -0.70 -12.33 13.45
N ASP A 332 0.59 -11.97 13.41
CA ASP A 332 0.98 -10.57 13.54
C ASP A 332 0.36 -9.76 12.39
N VAL A 333 0.08 -8.48 12.65
CA VAL A 333 -0.61 -7.65 11.67
C VAL A 333 -0.16 -6.20 11.84
N GLU A 334 0.27 -5.59 10.72
CA GLU A 334 0.82 -4.23 10.78
C GLU A 334 -0.29 -3.22 11.10
N GLY A 335 -1.48 -3.43 10.56
CA GLY A 335 -2.60 -2.54 10.84
C GLY A 335 -3.77 -2.86 9.94
N PHE A 336 -4.76 -1.95 9.94
CA PHE A 336 -5.88 -2.03 9.02
C PHE A 336 -6.00 -0.74 8.23
N VAL A 337 -6.54 -0.87 7.04
CA VAL A 337 -6.99 0.28 6.26
C VAL A 337 -8.51 0.18 6.17
N ILE A 338 -9.20 1.23 6.62
CA ILE A 338 -10.66 1.21 6.78
C ILE A 338 -11.30 2.00 5.63
N ARG A 339 -12.30 1.42 4.99
CA ARG A 339 -12.87 1.92 3.73
C ARG A 339 -14.36 2.18 3.92
N CYS A 340 -14.81 3.37 3.54
CA CYS A 340 -16.19 3.76 3.82
C CYS A 340 -16.54 4.95 2.94
N LYS A 341 -17.67 5.57 3.20
CA LYS A 341 -18.10 6.76 2.47
C LYS A 341 -18.03 7.98 3.38
N LYS A 342 -17.60 9.11 2.83
CA LYS A 342 -17.46 10.34 3.60
C LYS A 342 -18.25 11.48 2.98
N SER A 343 -18.84 12.29 3.84
CA SER A 343 -19.52 13.53 3.49
C SER A 343 -18.66 14.73 3.84
N THR A 344 -18.73 15.77 3.01
CA THR A 344 -18.14 17.06 3.39
C THR A 344 -18.69 17.52 4.74
N ASN A 345 -20.01 17.53 4.88
CA ASN A 345 -20.64 17.73 6.17
C ASN A 345 -21.71 16.67 6.39
N PRO A 346 -21.87 16.19 7.64
CA PRO A 346 -22.72 15.02 7.90
C PRO A 346 -24.19 15.23 7.58
N GLY A 347 -25.00 14.20 7.86
CA GLY A 347 -26.42 14.25 7.61
C GLY A 347 -26.78 13.72 6.23
N VAL A 348 -26.78 14.60 5.24
CA VAL A 348 -26.93 14.20 3.84
C VAL A 348 -25.66 14.63 3.12
N GLY A 349 -25.78 14.95 1.84
CA GLY A 349 -24.64 15.34 1.04
C GLY A 349 -24.18 14.19 0.19
N PRO A 350 -23.49 14.51 -0.90
CA PRO A 350 -22.88 13.46 -1.73
C PRO A 350 -21.82 12.69 -0.94
N TYR A 351 -21.90 11.37 -1.00
CA TYR A 351 -20.94 10.49 -0.32
C TYR A 351 -19.92 9.98 -1.33
N HIS A 352 -18.64 10.11 -1.00
CA HIS A 352 -17.59 9.61 -1.86
C HIS A 352 -16.75 8.58 -1.09
N ASP A 353 -15.95 7.83 -1.83
CA ASP A 353 -15.09 6.83 -1.22
C ASP A 353 -13.99 7.49 -0.39
N TRP A 354 -13.65 6.86 0.73
CA TRP A 354 -12.78 7.50 1.71
C TRP A 354 -12.15 6.45 2.63
N PHE A 355 -10.83 6.53 2.78
CA PHE A 355 -10.05 5.60 3.57
C PHE A 355 -9.56 6.29 4.83
N PHE A 356 -9.30 5.48 5.86
CA PHE A 356 -8.37 5.90 6.90
C PHE A 356 -7.58 4.70 7.37
N LYS A 357 -6.40 5.00 7.92
CA LYS A 357 -5.40 4.04 8.34
C LYS A 357 -5.53 3.81 9.84
N TYR A 358 -5.23 2.59 10.28
CA TYR A 358 -5.11 2.27 11.72
C TYR A 358 -3.85 1.44 11.88
N LYS A 359 -2.72 2.13 12.01
CA LYS A 359 -1.39 1.51 12.01
C LYS A 359 -0.99 1.22 13.46
N PHE A 360 -0.92 -0.07 13.82
CA PHE A 360 -0.71 -0.46 15.21
C PHE A 360 0.69 -0.05 15.69
N GLU A 361 0.74 0.71 16.79
CA GLU A 361 1.99 1.32 17.23
C GLU A 361 3.02 0.26 17.63
N GLU A 362 2.64 -0.67 18.47
CA GLU A 362 3.60 -1.62 19.01
C GLU A 362 3.18 -3.04 18.70
N PRO A 363 4.13 -3.98 18.63
CA PRO A 363 5.59 -3.82 18.81
C PRO A 363 6.32 -3.31 17.59
N TYR A 364 5.58 -2.83 16.59
CA TYR A 364 6.18 -2.54 15.28
C TYR A 364 7.02 -1.27 15.31
N LEU A 365 6.66 -0.28 16.14
CA LEU A 365 7.54 0.87 16.31
C LEU A 365 8.87 0.43 16.89
N MET A 366 8.84 -0.42 17.91
CA MET A 366 10.07 -0.92 18.51
C MET A 366 10.91 -1.68 17.49
N TYR A 367 10.27 -2.53 16.68
CA TYR A 367 10.99 -3.22 15.62
C TYR A 367 11.59 -2.22 14.65
N ARG A 368 10.86 -1.15 14.34
CA ARG A 368 11.38 -0.19 13.39
C ARG A 368 12.55 0.57 13.97
N GLN A 369 12.44 1.00 15.23
CA GLN A 369 13.56 1.63 15.90
C GLN A 369 14.79 0.71 15.88
N TRP A 370 14.58 -0.57 16.24
CA TRP A 370 15.68 -1.53 16.17
C TRP A 370 16.31 -1.55 14.77
N ARG A 371 15.48 -1.58 13.73
CA ARG A 371 16.03 -1.61 12.37
C ARG A 371 16.93 -0.41 12.14
N GLU A 372 16.42 0.79 12.42
CA GLU A 372 17.18 1.99 12.15
C GLU A 372 18.40 2.11 13.07
N CYS A 373 18.31 1.61 14.30
CA CYS A 373 19.48 1.67 15.19
C CYS A 373 20.59 0.75 14.69
N THR A 374 20.23 -0.41 14.17
CA THR A 374 21.24 -1.32 13.64
C THR A 374 21.94 -0.70 12.44
N LYS A 375 21.18 -0.13 11.50
CA LYS A 375 21.78 0.55 10.36
C LYS A 375 22.73 1.64 10.82
N ALA A 376 22.34 2.38 11.86
CA ALA A 376 23.22 3.43 12.38
C ALA A 376 24.46 2.84 13.03
N LEU A 377 24.31 1.67 13.67
CA LEU A 377 25.46 0.96 14.21
C LEU A 377 26.39 0.52 13.09
N ILE A 378 25.82 -0.04 12.03
CA ILE A 378 26.61 -0.48 10.89
C ILE A 378 27.30 0.70 10.22
N SER A 379 26.53 1.71 9.85
CA SER A 379 27.13 2.99 9.46
C SER A 379 27.79 3.61 10.69
N GLY A 380 28.45 4.72 10.52
CA GLY A 380 29.03 5.25 11.74
C GLY A 380 28.15 6.17 12.58
N LYS A 381 26.85 6.27 12.29
CA LYS A 381 26.02 7.32 12.86
C LYS A 381 25.42 6.91 14.21
N GLN A 382 25.08 7.91 15.01
CA GLN A 382 24.58 7.68 16.37
C GLN A 382 23.19 7.05 16.34
N PRO A 383 23.01 5.84 16.88
CA PRO A 383 21.66 5.27 16.99
C PRO A 383 20.72 6.18 17.76
N LYS A 384 19.52 6.37 17.21
CA LYS A 384 18.53 7.26 17.82
C LYS A 384 17.60 6.43 18.70
N ILE A 385 17.82 6.50 20.00
CA ILE A 385 17.01 5.78 20.96
C ILE A 385 15.93 6.74 21.45
N LYS A 386 14.70 6.55 20.96
CA LYS A 386 13.60 7.44 21.33
C LYS A 386 12.57 6.79 22.23
N LYS A 387 12.46 5.47 22.22
CA LYS A 387 11.52 4.73 23.04
C LYS A 387 12.19 3.43 23.48
N HIS A 388 11.57 2.72 24.41
CA HIS A 388 12.03 1.39 24.80
C HIS A 388 13.52 1.40 25.11
N VAL A 389 13.91 2.30 26.01
CA VAL A 389 15.32 2.67 26.14
C VAL A 389 16.14 1.48 26.59
N LYS A 390 15.84 0.95 27.78
CA LYS A 390 16.73 -0.07 28.32
C LYS A 390 16.71 -1.35 27.48
N ILE A 391 15.57 -1.74 26.90
CA ILE A 391 15.61 -2.94 26.08
C ILE A 391 16.35 -2.69 24.77
N THR A 392 16.36 -1.45 24.29
CA THR A 392 17.12 -1.17 23.06
C THR A 392 18.61 -1.11 23.34
N GLU A 393 18.98 -0.60 24.51
CA GLU A 393 20.36 -0.70 24.97
C GLU A 393 20.85 -2.14 24.83
N GLU A 394 20.06 -3.10 25.33
CA GLU A 394 20.50 -4.50 25.28
C GLU A 394 20.48 -5.04 23.86
N TYR A 395 19.49 -4.63 23.07
CA TYR A 395 19.46 -5.05 21.67
C TYR A 395 20.72 -4.59 20.95
N LEU A 396 21.13 -3.34 21.17
CA LEU A 396 22.27 -2.84 20.43
C LEU A 396 23.56 -3.55 20.84
N LEU A 397 23.67 -3.95 22.11
CA LEU A 397 24.83 -4.73 22.52
C LEU A 397 24.79 -6.13 21.90
N TYR A 398 23.60 -6.77 21.88
CA TYR A 398 23.49 -8.08 21.25
C TYR A 398 23.79 -8.01 19.76
N ALA A 399 23.35 -6.94 19.09
CA ALA A 399 23.64 -6.79 17.66
C ALA A 399 25.13 -6.65 17.41
N ARG A 400 25.78 -5.79 18.19
CA ARG A 400 27.22 -5.59 18.03
C ARG A 400 27.97 -6.91 18.12
N LYS A 401 27.54 -7.81 19.01
CA LYS A 401 28.20 -9.10 19.14
C LYS A 401 27.92 -9.98 17.93
N ARG A 402 26.69 -9.97 17.44
CA ARG A 402 26.39 -10.79 16.26
C ARG A 402 27.17 -10.32 15.04
N LEU A 403 27.29 -9.00 14.86
CA LEU A 403 28.14 -8.45 13.80
C LEU A 403 29.61 -8.82 13.97
N ALA A 404 30.10 -8.88 15.21
CA ALA A 404 31.50 -9.25 15.39
C ALA A 404 31.74 -10.72 15.04
N ALA A 405 30.78 -11.59 15.37
CA ALA A 405 30.93 -13.01 15.09
C ALA A 405 30.58 -13.35 13.64
N ASP A 406 29.86 -12.48 12.92
CA ASP A 406 29.53 -12.74 11.52
C ASP A 406 29.68 -11.43 10.77
N PRO A 407 30.89 -11.13 10.29
CA PRO A 407 31.12 -9.79 9.71
C PRO A 407 30.31 -9.49 8.47
N LYS A 408 29.86 -10.51 7.74
CA LYS A 408 29.10 -10.24 6.52
C LYS A 408 27.67 -9.81 6.79
N LEU A 409 27.19 -9.92 8.03
CA LEU A 409 25.83 -9.51 8.35
C LEU A 409 25.61 -8.04 8.02
N ALA A 410 26.60 -7.19 8.28
CA ALA A 410 26.43 -5.75 8.12
C ALA A 410 26.04 -5.41 6.68
N LYS A 411 26.75 -6.00 5.70
CA LYS A 411 26.39 -5.80 4.31
C LYS A 411 24.97 -6.30 4.05
N LEU A 412 24.66 -7.50 4.54
CA LEU A 412 23.33 -8.07 4.34
C LEU A 412 22.25 -7.20 4.97
N TYR A 413 22.46 -6.79 6.22
CA TYR A 413 21.48 -5.96 6.90
C TYR A 413 21.24 -4.66 6.14
N ASN A 414 22.32 -4.07 5.59
CA ASN A 414 22.22 -2.84 4.81
C ASN A 414 21.30 -3.03 3.61
N GLN A 415 21.28 -4.23 3.05
CA GLN A 415 20.45 -4.53 1.90
C GLN A 415 19.15 -5.22 2.29
N ASN A 416 18.73 -5.06 3.55
CA ASN A 416 17.41 -5.46 4.02
C ASN A 416 17.22 -6.98 4.00
N HIS A 417 18.28 -7.72 4.30
CA HIS A 417 18.20 -9.16 4.54
C HIS A 417 18.79 -9.43 5.92
N GLY A 418 18.03 -10.13 6.77
CA GLY A 418 18.46 -10.44 8.12
C GLY A 418 17.94 -9.51 9.19
N ILE A 419 17.18 -8.47 8.81
CA ILE A 419 16.57 -7.59 9.81
C ILE A 419 15.72 -8.40 10.77
N ILE A 420 14.77 -9.16 10.21
CA ILE A 420 13.79 -9.89 11.00
C ILE A 420 14.46 -10.98 11.82
N LYS A 421 15.37 -11.74 11.21
CA LYS A 421 16.05 -12.81 11.92
C LYS A 421 16.85 -12.27 13.12
N LEU A 422 17.59 -11.17 12.92
CA LEU A 422 18.37 -10.61 14.02
C LEU A 422 17.48 -10.20 15.17
N ARG A 423 16.34 -9.58 14.86
CA ARG A 423 15.39 -9.20 15.90
C ARG A 423 14.85 -10.44 16.62
N ASN A 424 14.48 -11.47 15.86
CA ASN A 424 13.91 -12.66 16.47
C ASN A 424 14.95 -13.44 17.27
N ASP A 425 16.21 -13.44 16.82
CA ASP A 425 17.26 -14.07 17.61
C ASP A 425 17.42 -13.40 18.99
N PHE A 426 17.45 -12.06 19.01
CA PHE A 426 17.56 -11.34 20.27
C PHE A 426 16.40 -11.66 21.19
N LEU A 427 15.17 -11.64 20.65
CA LEU A 427 14.01 -11.96 21.48
C LEU A 427 14.09 -13.38 22.02
N GLU A 428 14.60 -14.32 21.21
CA GLU A 428 14.90 -15.66 21.71
C GLU A 428 15.88 -15.60 22.87
N TYR A 429 17.03 -14.96 22.66
CA TYR A 429 18.03 -14.83 23.72
C TYR A 429 17.40 -14.27 25.00
N LYS A 430 16.52 -13.28 24.86
CA LYS A 430 15.84 -12.70 26.01
C LYS A 430 14.66 -13.54 26.50
N ASN A 431 14.33 -14.63 25.82
CA ASN A 431 13.18 -15.44 26.19
C ASN A 431 11.90 -14.59 26.32
N MET A 432 11.72 -13.64 25.40
CA MET A 432 10.52 -12.82 25.40
C MET A 432 9.81 -12.90 24.06
N LYS A 433 8.50 -12.70 24.10
CA LYS A 433 7.75 -12.34 22.91
C LYS A 433 7.95 -10.85 22.64
N GLY A 434 7.88 -10.48 21.35
CA GLY A 434 8.08 -9.08 21.00
C GLY A 434 7.13 -8.14 21.71
N THR A 435 5.91 -8.62 22.01
CA THR A 435 4.93 -7.80 22.71
C THR A 435 5.40 -7.41 24.10
N ASP A 436 5.83 -8.40 24.89
CA ASP A 436 6.23 -8.10 26.26
C ASP A 436 7.50 -7.25 26.29
N ALA A 437 8.42 -7.48 25.36
CA ALA A 437 9.60 -6.63 25.26
C ALA A 437 9.20 -5.18 25.00
N ALA A 438 8.18 -4.97 24.16
CA ALA A 438 7.69 -3.63 23.91
C ALA A 438 7.03 -3.03 25.14
N ASN A 439 6.51 -3.85 26.05
CA ASN A 439 5.70 -3.30 27.13
C ASN A 439 6.52 -2.91 28.36
N LEU A 440 7.81 -3.16 28.34
CA LEU A 440 8.70 -2.74 29.42
C LEU A 440 8.73 -1.21 29.55
S SO4 B . 8.18 -0.76 6.69
O1 SO4 B . 9.02 0.35 7.11
O2 SO4 B . 7.26 -0.35 5.64
O3 SO4 B . 7.42 -1.29 7.84
O4 SO4 B . 9.07 -1.79 6.17
PG ATP C . 1.79 7.08 1.68
O1G ATP C . 1.25 6.89 0.28
O2G ATP C . 2.71 8.28 1.76
O3G ATP C . 0.79 7.05 2.82
PB ATP C . 3.38 5.12 3.26
O1B ATP C . 3.98 6.26 4.05
O2B ATP C . 4.21 3.96 2.80
O3B ATP C . 2.68 5.73 1.90
PA ATP C . 1.87 3.31 5.00
O1A ATP C . 1.81 3.74 6.45
O2A ATP C . 2.77 2.18 4.54
O3A ATP C . 2.09 4.61 4.08
O5' ATP C . 0.36 2.96 4.52
C5' ATP C . -0.13 3.25 3.20
C4' ATP C . 0.31 2.11 2.31
O4' ATP C . -0.16 0.87 2.82
C3' ATP C . -0.17 2.11 0.87
O3' ATP C . 0.71 2.89 0.06
C2' ATP C . -0.14 0.63 0.48
O2' ATP C . 1.07 0.33 -0.22
C1' ATP C . -0.10 -0.12 1.79
N9 ATP C . -1.22 -1.06 2.05
C8 ATP C . -1.07 -2.29 2.58
N7 ATP C . -2.26 -2.89 2.75
C5 ATP C . -3.23 -2.04 2.34
C6 ATP C . -4.70 -2.04 2.27
N6 ATP C . -5.43 -3.11 2.66
N1 ATP C . -5.32 -0.94 1.78
C2 ATP C . -4.61 0.13 1.39
N3 ATP C . -3.27 0.21 1.44
C4 ATP C . -2.52 -0.82 1.89
MN MN D . 4.11 8.50 3.67
MN MN E . 3.74 0.24 4.26
#